data_5B6C
#
_entry.id   5B6C
#
_cell.length_a   107.270
_cell.length_b   107.270
_cell.length_c   44.040
_cell.angle_alpha   90.00
_cell.angle_beta   90.00
_cell.angle_gamma   120.00
#
_symmetry.space_group_name_H-M   'H 3'
#
loop_
_entity.id
_entity.type
_entity.pdbx_description
1 polymer 'Transitional endoplasmic reticulum ATPase'
2 polymer 'Peptide from Ubiquitin fusion degradation protein 1 homolog'
3 water water
#
loop_
_entity_poly.entity_id
_entity_poly.type
_entity_poly.pdbx_seq_one_letter_code
_entity_poly.pdbx_strand_id
1 'polypeptide(L)'
;GSNRPNRLIVDEAINEDNSVVSLSQPKMDELQLFRGDTVLLKGKKRREAVCIVLSDDTCSDEKIRMNRVVRNNLRVRLGD
VISIQPCPDVKYGKRIHVLPIDDTVEGITGNLFEVYLKPYFLEAYRPIRKGDIFLVRGGMRAVEFKVVETDPSPYCIVAP
DTVIHCEGEPIKRA
;
A
2 'polypeptide(L)' FRAFSGSGNRL B
#
# COMPACT_ATOMS: atom_id res chain seq x y z
N GLY A 1 19.54 -14.98 -4.68
CA GLY A 1 18.40 -14.64 -5.59
C GLY A 1 17.97 -15.83 -6.42
N SER A 2 16.68 -15.86 -6.82
CA SER A 2 16.15 -16.99 -7.67
C SER A 2 16.76 -17.03 -9.10
N ASN A 3 17.31 -15.89 -9.58
CA ASN A 3 17.84 -15.71 -10.97
C ASN A 3 16.85 -15.72 -12.14
N ARG A 4 15.57 -15.71 -11.81
CA ARG A 4 14.53 -15.96 -12.80
C ARG A 4 13.91 -14.61 -13.29
N PRO A 5 13.37 -14.62 -14.47
CA PRO A 5 12.68 -13.41 -14.94
C PRO A 5 11.55 -13.09 -13.96
N ASN A 6 11.39 -11.82 -13.65
CA ASN A 6 10.51 -11.37 -12.53
C ASN A 6 9.45 -10.37 -12.98
N ARG A 7 9.07 -10.39 -14.27
CA ARG A 7 8.04 -9.55 -14.83
C ARG A 7 6.75 -10.40 -14.86
N LEU A 8 5.64 -9.74 -14.53
CA LEU A 8 4.32 -10.31 -14.52
C LEU A 8 3.27 -9.35 -15.13
N ILE A 9 2.25 -9.92 -15.70
CA ILE A 9 1.14 -9.14 -16.33
C ILE A 9 0.10 -8.84 -15.24
N VAL A 10 -0.27 -7.58 -15.18
CA VAL A 10 -1.24 -7.07 -14.18
C VAL A 10 -2.66 -7.66 -14.48
N ASP A 11 -3.28 -8.21 -13.46
CA ASP A 11 -4.63 -8.78 -13.50
C ASP A 11 -5.38 -8.23 -12.28
N GLU A 12 -6.71 -8.34 -12.36
CA GLU A 12 -7.58 -7.86 -11.28
C GLU A 12 -7.53 -8.68 -10.04
N ALA A 13 -7.90 -8.07 -8.91
CA ALA A 13 -7.99 -8.77 -7.60
C ALA A 13 -9.31 -9.47 -7.41
N ILE A 14 -9.29 -10.55 -6.64
CA ILE A 14 -10.53 -11.17 -6.14
C ILE A 14 -10.93 -10.62 -4.76
N ASN A 15 -9.99 -10.54 -3.86
CA ASN A 15 -10.25 -9.86 -2.58
C ASN A 15 -9.56 -8.52 -2.63
N GLU A 16 -10.34 -7.47 -2.50
CA GLU A 16 -9.79 -6.12 -2.50
C GLU A 16 -9.07 -5.95 -1.21
N ASP A 17 -7.75 -5.93 -1.22
CA ASP A 17 -7.00 -5.29 -0.09
C ASP A 17 -5.87 -4.53 -0.64
N ASN A 18 -5.68 -3.31 -0.20
CA ASN A 18 -4.70 -2.39 -0.69
C ASN A 18 -3.25 -2.89 -0.55
N SER A 19 -3.03 -3.76 0.44
CA SER A 19 -1.68 -4.13 0.76
C SER A 19 -1.27 -5.49 0.16
N VAL A 20 -2.10 -6.16 -0.57
CA VAL A 20 -1.88 -7.59 -0.95
C VAL A 20 -1.83 -7.62 -2.48
N VAL A 21 -0.87 -8.45 -2.97
CA VAL A 21 -0.93 -8.95 -4.31
C VAL A 21 -0.83 -10.44 -4.31
N SER A 22 -1.39 -11.12 -5.34
CA SER A 22 -1.44 -12.55 -5.40
C SER A 22 -0.79 -13.14 -6.65
N LEU A 23 -0.09 -14.26 -6.44
CA LEU A 23 0.59 -15.01 -7.54
C LEU A 23 0.08 -16.45 -7.43
N SER A 24 0.29 -17.21 -8.52
CA SER A 24 0.12 -18.68 -8.49
C SER A 24 1.14 -19.33 -7.62
N GLN A 25 0.87 -20.52 -7.17
CA GLN A 25 1.86 -21.24 -6.42
C GLN A 25 3.09 -21.57 -7.24
N PRO A 26 2.95 -21.98 -8.51
CA PRO A 26 4.15 -22.20 -9.27
C PRO A 26 5.06 -21.00 -9.40
N LYS A 27 4.44 -19.83 -9.57
CA LYS A 27 5.23 -18.62 -9.66
C LYS A 27 5.88 -18.28 -8.31
N MET A 28 5.13 -18.40 -7.22
CA MET A 28 5.76 -18.23 -5.92
C MET A 28 7.01 -19.17 -5.78
N ASP A 29 6.88 -20.41 -6.17
CA ASP A 29 7.98 -21.31 -6.06
C ASP A 29 9.15 -20.95 -6.97
N GLU A 30 8.85 -20.45 -8.15
CA GLU A 30 9.87 -20.03 -9.12
C GLU A 30 10.68 -18.89 -8.55
N LEU A 31 10.03 -17.97 -7.85
CA LEU A 31 10.64 -16.79 -7.33
C LEU A 31 11.07 -16.86 -5.84
N GLN A 32 10.98 -18.06 -5.26
CA GLN A 32 11.33 -18.28 -3.87
C GLN A 32 10.60 -17.37 -2.89
N LEU A 33 9.33 -17.17 -3.15
CA LEU A 33 8.42 -16.37 -2.30
C LEU A 33 7.55 -17.24 -1.46
N PHE A 34 7.34 -16.81 -0.23
CA PHE A 34 6.44 -17.46 0.77
C PHE A 34 5.26 -16.51 0.99
N ARG A 35 4.15 -17.14 1.32
CA ARG A 35 2.99 -16.37 1.73
C ARG A 35 3.38 -15.43 2.82
N GLY A 36 2.91 -14.19 2.74
CA GLY A 36 3.12 -13.11 3.73
C GLY A 36 4.43 -12.37 3.58
N ASP A 37 5.26 -12.78 2.58
CA ASP A 37 6.48 -12.06 2.31
C ASP A 37 6.17 -10.61 1.86
N THR A 38 6.95 -9.63 2.35
CA THR A 38 6.98 -8.28 1.79
C THR A 38 7.70 -8.31 0.44
N VAL A 39 7.12 -7.68 -0.58
CA VAL A 39 7.67 -7.64 -1.92
C VAL A 39 7.65 -6.18 -2.38
N LEU A 40 8.62 -5.86 -3.24
CA LEU A 40 8.72 -4.56 -3.92
C LEU A 40 8.27 -4.76 -5.35
N LEU A 41 7.26 -4.01 -5.74
CA LEU A 41 6.70 -3.97 -7.11
C LEU A 41 7.20 -2.72 -7.82
N LYS A 42 7.60 -2.90 -9.11
CA LYS A 42 8.06 -1.78 -9.87
C LYS A 42 7.31 -1.68 -11.19
N GLY A 43 6.92 -0.46 -11.53
CA GLY A 43 6.39 -0.08 -12.84
C GLY A 43 7.45 0.81 -13.53
N LYS A 44 7.04 1.70 -14.39
CA LYS A 44 8.00 2.57 -15.13
C LYS A 44 8.12 3.84 -14.37
N LYS A 45 9.11 4.65 -14.78
CA LYS A 45 9.34 6.00 -14.18
C LYS A 45 9.52 5.95 -12.66
N ARG A 46 10.18 4.90 -12.18
CA ARG A 46 10.52 4.76 -10.78
C ARG A 46 9.28 4.58 -9.87
N ARG A 47 8.13 4.28 -10.43
CA ARG A 47 6.94 4.01 -9.60
C ARG A 47 7.14 2.65 -8.89
N GLU A 48 6.83 2.64 -7.58
CA GLU A 48 7.04 1.46 -6.77
C GLU A 48 5.91 1.31 -5.77
N ALA A 49 5.76 0.06 -5.32
CA ALA A 49 4.82 -0.28 -4.24
C ALA A 49 5.36 -1.40 -3.41
N VAL A 50 5.10 -1.34 -2.11
CA VAL A 50 5.39 -2.44 -1.22
C VAL A 50 4.12 -3.08 -0.76
N CYS A 51 4.04 -4.41 -0.96
CA CYS A 51 2.88 -5.22 -0.65
C CYS A 51 3.31 -6.49 0.07
N ILE A 52 2.32 -7.25 0.56
CA ILE A 52 2.53 -8.63 0.95
C ILE A 52 2.04 -9.49 -0.17
N VAL A 53 2.69 -10.63 -0.40
CA VAL A 53 2.27 -11.58 -1.42
C VAL A 53 1.57 -12.75 -0.87
N LEU A 54 0.46 -13.14 -1.49
CA LEU A 54 -0.28 -14.30 -1.15
C LEU A 54 -0.37 -15.20 -2.40
N SER A 55 -0.77 -16.46 -2.18
CA SER A 55 -0.85 -17.48 -3.27
C SER A 55 -2.30 -17.74 -3.53
N ASP A 56 -2.70 -17.78 -4.80
CA ASP A 56 -4.04 -17.82 -5.23
C ASP A 56 -4.10 -18.94 -6.34
N ASP A 57 -4.84 -20.04 -6.11
CA ASP A 57 -4.95 -21.13 -7.11
C ASP A 57 -5.80 -20.86 -8.32
N THR A 58 -6.33 -19.68 -8.44
CA THR A 58 -6.91 -19.29 -9.73
C THR A 58 -6.07 -18.31 -10.53
N CYS A 59 -4.95 -17.86 -9.97
CA CYS A 59 -4.18 -16.91 -10.72
C CYS A 59 -3.33 -17.59 -11.78
N SER A 60 -3.30 -16.99 -12.94
CA SER A 60 -2.46 -17.49 -14.02
C SER A 60 -1.02 -17.37 -13.68
N ASP A 61 -0.13 -18.32 -14.04
CA ASP A 61 1.25 -18.27 -13.61
C ASP A 61 1.97 -16.99 -14.04
N GLU A 62 1.60 -16.44 -15.22
CA GLU A 62 2.33 -15.29 -15.71
C GLU A 62 1.68 -13.96 -15.36
N LYS A 63 0.70 -14.00 -14.47
CA LYS A 63 -0.01 -12.77 -14.01
C LYS A 63 0.15 -12.50 -12.50
N ILE A 64 -0.19 -11.28 -12.10
CA ILE A 64 -0.19 -10.87 -10.71
C ILE A 64 -1.54 -10.16 -10.46
N ARG A 65 -2.25 -10.62 -9.47
CA ARG A 65 -3.53 -10.02 -9.09
C ARG A 65 -3.27 -8.86 -8.15
N MET A 66 -3.76 -7.69 -8.53
CA MET A 66 -3.63 -6.51 -7.67
C MET A 66 -4.82 -5.60 -7.89
N ASN A 67 -5.26 -4.96 -6.85
CA ASN A 67 -6.39 -4.14 -6.87
C ASN A 67 -6.09 -2.84 -7.53
N ARG A 68 -7.18 -2.05 -7.73
CA ARG A 68 -7.09 -0.78 -8.42
C ARG A 68 -6.23 0.22 -7.69
N VAL A 69 -6.29 0.20 -6.35
CA VAL A 69 -5.43 1.08 -5.54
C VAL A 69 -3.94 0.84 -5.83
N VAL A 70 -3.51 -0.43 -5.83
CA VAL A 70 -2.14 -0.73 -6.10
C VAL A 70 -1.81 -0.40 -7.58
N ARG A 71 -2.71 -0.73 -8.48
CA ARG A 71 -2.48 -0.38 -9.88
C ARG A 71 -2.29 1.14 -10.09
N ASN A 72 -3.08 1.94 -9.41
CA ASN A 72 -2.92 3.36 -9.56
C ASN A 72 -1.62 3.83 -9.00
N ASN A 73 -1.17 3.27 -7.85
CA ASN A 73 0.15 3.59 -7.26
C ASN A 73 1.32 3.27 -8.23
N LEU A 74 1.14 2.24 -9.02
CA LEU A 74 2.19 1.82 -9.99
C LEU A 74 1.97 2.47 -11.35
N ARG A 75 0.86 3.18 -11.51
CA ARG A 75 0.49 3.82 -12.78
C ARG A 75 0.39 2.82 -13.90
N VAL A 76 -0.25 1.69 -13.60
CA VAL A 76 -0.60 0.69 -14.57
C VAL A 76 -2.02 0.36 -14.73
N ARG A 77 -2.32 -0.23 -15.87
CA ARG A 77 -3.64 -0.72 -16.20
C ARG A 77 -3.60 -2.23 -16.25
N LEU A 78 -4.75 -2.87 -16.20
CA LEU A 78 -4.87 -4.27 -16.54
C LEU A 78 -4.16 -4.58 -17.84
N GLY A 79 -3.34 -5.61 -17.82
CA GLY A 79 -2.54 -5.96 -18.95
C GLY A 79 -1.19 -5.43 -19.13
N ASP A 80 -0.83 -4.43 -18.35
CA ASP A 80 0.51 -3.80 -18.33
C ASP A 80 1.38 -4.82 -17.54
N VAL A 81 2.65 -4.53 -17.56
CA VAL A 81 3.67 -5.40 -17.00
C VAL A 81 4.35 -4.69 -15.89
N ILE A 82 4.58 -5.40 -14.77
CA ILE A 82 5.38 -4.94 -13.63
C ILE A 82 6.46 -5.95 -13.30
N SER A 83 7.37 -5.57 -12.40
CA SER A 83 8.24 -6.57 -11.78
C SER A 83 8.00 -6.72 -10.31
N ILE A 84 8.27 -7.94 -9.80
CA ILE A 84 8.14 -8.28 -8.38
C ILE A 84 9.41 -8.87 -7.84
N GLN A 85 9.86 -8.40 -6.68
CA GLN A 85 11.10 -8.91 -6.07
C GLN A 85 10.94 -8.93 -4.55
N PRO A 86 11.73 -9.76 -3.91
CA PRO A 86 11.72 -9.77 -2.51
C PRO A 86 12.13 -8.46 -1.91
N CYS A 87 11.51 -8.14 -0.77
CA CYS A 87 11.85 -6.89 -0.07
C CYS A 87 11.99 -7.29 1.38
N PRO A 88 13.07 -8.01 1.77
CA PRO A 88 13.08 -8.55 3.12
C PRO A 88 13.30 -7.52 4.20
N ASP A 89 12.88 -7.87 5.41
CA ASP A 89 13.25 -7.07 6.59
C ASP A 89 12.84 -5.60 6.48
N VAL A 90 11.59 -5.33 6.08
CA VAL A 90 11.11 -3.94 6.05
C VAL A 90 10.96 -3.52 7.51
N LYS A 91 11.50 -2.34 7.78
CA LYS A 91 11.58 -1.89 9.17
C LYS A 91 10.20 -1.37 9.59
N TYR A 92 9.97 -1.44 10.86
CA TYR A 92 8.76 -0.93 11.51
C TYR A 92 8.87 0.59 11.56
N GLY A 93 7.78 1.28 11.16
CA GLY A 93 7.80 2.75 11.14
C GLY A 93 7.83 3.33 12.56
N LYS A 94 8.62 4.39 12.67
CA LYS A 94 8.54 5.21 13.85
C LYS A 94 7.32 6.11 13.75
N ARG A 95 7.11 6.67 12.57
CA ARG A 95 6.06 7.66 12.39
C ARG A 95 5.76 7.75 10.88
N ILE A 96 4.51 8.07 10.54
CA ILE A 96 4.14 8.32 9.15
C ILE A 96 3.23 9.59 9.16
N HIS A 97 3.12 10.24 8.03
CA HIS A 97 2.23 11.41 7.83
C HIS A 97 1.41 11.19 6.59
N VAL A 98 0.07 11.24 6.77
CA VAL A 98 -0.85 11.05 5.67
C VAL A 98 -1.78 12.22 5.64
N LEU A 99 -2.25 12.56 4.48
CA LEU A 99 -3.26 13.64 4.32
C LEU A 99 -4.38 13.13 3.36
N PRO A 100 -5.62 13.51 3.63
CA PRO A 100 -6.73 13.11 2.73
C PRO A 100 -6.70 13.91 1.45
N ILE A 101 -7.23 13.29 0.39
CA ILE A 101 -7.48 14.00 -0.86
C ILE A 101 -8.79 14.82 -0.72
N ASP A 102 -8.70 16.14 -1.06
CA ASP A 102 -9.78 17.09 -0.79
C ASP A 102 -11.16 16.65 -1.25
N ASP A 103 -11.30 16.15 -2.48
CA ASP A 103 -12.64 15.82 -2.97
C ASP A 103 -13.24 14.58 -2.32
N THR A 104 -12.41 13.90 -1.49
CA THR A 104 -12.93 12.71 -0.76
C THR A 104 -13.37 13.02 0.68
N VAL A 105 -13.01 14.22 1.18
CA VAL A 105 -13.35 14.68 2.51
C VAL A 105 -14.16 15.99 2.54
N GLU A 106 -14.48 16.55 1.37
CA GLU A 106 -15.29 17.78 1.34
C GLU A 106 -16.57 17.61 2.04
N GLY A 107 -16.85 18.46 3.00
CA GLY A 107 -18.04 18.29 3.82
C GLY A 107 -18.12 17.32 4.93
N ILE A 108 -17.04 16.52 5.12
CA ILE A 108 -17.06 15.58 6.09
C ILE A 108 -16.89 16.21 7.50
N THR A 109 -17.49 15.59 8.49
CA THR A 109 -17.37 15.96 9.82
C THR A 109 -16.87 14.69 10.50
N GLY A 110 -15.97 14.85 11.41
CA GLY A 110 -15.60 13.63 12.16
C GLY A 110 -14.13 13.37 12.06
N ASN A 111 -13.67 12.61 13.06
CA ASN A 111 -12.28 12.39 13.26
C ASN A 111 -11.78 11.33 12.27
N LEU A 112 -10.87 11.73 11.38
CA LEU A 112 -10.44 10.87 10.28
C LEU A 112 -9.60 9.75 10.87
N PHE A 113 -8.85 10.02 11.92
CA PHE A 113 -8.09 8.91 12.54
C PHE A 113 -8.98 7.85 13.13
N GLU A 114 -10.01 8.21 13.95
CA GLU A 114 -10.89 7.21 14.49
C GLU A 114 -11.76 6.47 13.56
N VAL A 115 -12.32 7.16 12.56
CA VAL A 115 -13.24 6.53 11.64
C VAL A 115 -12.50 5.69 10.61
N TYR A 116 -11.37 6.23 10.10
CA TYR A 116 -10.74 5.67 8.90
C TYR A 116 -9.37 4.99 9.23
N LEU A 117 -8.42 5.81 9.77
CA LEU A 117 -7.02 5.30 9.80
C LEU A 117 -6.81 4.24 10.87
N LYS A 118 -7.37 4.48 12.07
CA LYS A 118 -7.13 3.54 13.15
C LYS A 118 -7.68 2.17 12.81
N PRO A 119 -8.90 2.02 12.29
CA PRO A 119 -9.37 0.65 12.01
C PRO A 119 -8.61 -0.01 10.83
N TYR A 120 -8.19 0.83 9.91
CA TYR A 120 -7.41 0.39 8.73
C TYR A 120 -6.04 -0.23 9.14
N PHE A 121 -5.38 0.48 10.02
CA PHE A 121 -4.04 0.06 10.40
C PHE A 121 -3.95 -0.81 11.64
N LEU A 122 -4.96 -0.85 12.45
CA LEU A 122 -4.86 -1.54 13.74
C LEU A 122 -4.51 -2.98 13.66
N GLU A 123 -3.36 -3.31 14.31
CA GLU A 123 -2.85 -4.70 14.34
C GLU A 123 -2.76 -5.40 12.97
N ALA A 124 -2.68 -4.61 11.87
CA ALA A 124 -2.61 -5.20 10.58
C ALA A 124 -1.23 -5.28 9.92
N TYR A 125 -0.27 -4.54 10.53
CA TYR A 125 1.12 -4.55 10.02
C TYR A 125 1.23 -4.34 8.53
N ARG A 126 0.47 -3.32 8.08
CA ARG A 126 0.51 -3.00 6.65
C ARG A 126 1.87 -2.35 6.20
N PRO A 127 2.47 -2.78 5.11
CA PRO A 127 3.54 -2.05 4.52
C PRO A 127 2.98 -0.84 3.79
N ILE A 128 3.73 0.24 3.77
CA ILE A 128 3.33 1.42 3.05
C ILE A 128 4.55 2.17 2.48
N ARG A 129 4.31 2.97 1.47
CA ARG A 129 5.42 3.71 0.83
C ARG A 129 5.01 5.16 0.67
N LYS A 130 5.97 6.07 0.93
CA LYS A 130 5.83 7.43 0.57
C LYS A 130 5.28 7.60 -0.83
N GLY A 131 4.32 8.47 -1.03
CA GLY A 131 3.71 8.70 -2.25
C GLY A 131 2.46 7.83 -2.56
N ASP A 132 2.26 6.77 -1.81
CA ASP A 132 1.08 5.93 -1.99
C ASP A 132 -0.21 6.79 -1.77
N ILE A 133 -1.21 6.46 -2.55
CA ILE A 133 -2.53 6.88 -2.25
C ILE A 133 -3.31 5.60 -1.92
N PHE A 134 -4.06 5.62 -0.82
CA PHE A 134 -4.85 4.44 -0.41
C PHE A 134 -6.23 4.85 0.02
N LEU A 135 -7.17 3.94 -0.26
CA LEU A 135 -8.61 4.17 -0.07
C LEU A 135 -9.03 3.44 1.16
N VAL A 136 -9.74 4.12 2.04
CA VAL A 136 -10.27 3.57 3.25
C VAL A 136 -11.78 3.71 3.39
N ARG A 137 -12.45 2.60 3.67
CA ARG A 137 -13.91 2.64 3.92
C ARG A 137 -14.18 3.01 5.37
N GLY A 138 -15.25 3.69 5.57
CA GLY A 138 -15.70 3.96 6.91
C GLY A 138 -16.81 4.94 6.85
N GLY A 139 -17.49 5.17 7.99
CA GLY A 139 -18.58 6.16 8.00
C GLY A 139 -19.50 5.99 6.82
N MET A 140 -19.87 7.15 6.25
CA MET A 140 -20.74 7.22 5.07
C MET A 140 -20.09 7.11 3.74
N ARG A 141 -18.76 7.20 3.70
CA ARG A 141 -18.12 7.41 2.44
C ARG A 141 -16.63 7.04 2.53
N ALA A 142 -16.09 6.62 1.43
CA ALA A 142 -14.68 6.23 1.39
C ALA A 142 -13.82 7.42 1.20
N VAL A 143 -12.71 7.42 1.89
CA VAL A 143 -11.72 8.52 1.90
C VAL A 143 -10.39 8.04 1.28
N GLU A 144 -9.75 8.85 0.51
CA GLU A 144 -8.40 8.57 -0.04
C GLU A 144 -7.40 9.41 0.71
N PHE A 145 -6.27 8.77 1.09
CA PHE A 145 -5.20 9.45 1.80
C PHE A 145 -3.91 9.21 0.98
N LYS A 146 -3.08 10.25 1.01
CA LYS A 146 -1.74 10.23 0.43
C LYS A 146 -0.73 10.09 1.57
N VAL A 147 0.26 9.23 1.36
CA VAL A 147 1.33 9.12 2.28
C VAL A 147 2.39 10.17 1.94
N VAL A 148 2.42 11.23 2.75
CA VAL A 148 3.28 12.38 2.53
C VAL A 148 4.75 12.07 2.94
N GLU A 149 4.93 11.38 4.02
CA GLU A 149 6.26 10.99 4.52
C GLU A 149 6.12 9.79 5.41
N THR A 150 7.22 9.02 5.44
CA THR A 150 7.40 7.92 6.36
C THR A 150 8.80 8.07 7.03
N ASP A 151 8.93 7.43 8.17
CA ASP A 151 10.22 7.40 8.92
C ASP A 151 10.29 6.03 9.56
N PRO A 152 11.14 5.11 9.03
CA PRO A 152 12.05 5.37 7.94
C PRO A 152 11.41 5.58 6.61
N SER A 153 12.11 6.20 5.72
CA SER A 153 11.69 6.56 4.37
C SER A 153 12.50 5.79 3.29
N PRO A 154 11.93 5.36 2.15
CA PRO A 154 10.54 5.67 1.75
C PRO A 154 9.53 4.61 2.12
N TYR A 155 9.88 3.56 2.79
CA TYR A 155 8.78 2.60 3.14
C TYR A 155 9.04 2.00 4.48
N CYS A 156 7.94 1.49 5.06
CA CYS A 156 7.99 0.96 6.40
C CYS A 156 6.75 0.10 6.64
N ILE A 157 6.71 -0.63 7.75
CA ILE A 157 5.52 -1.30 8.26
C ILE A 157 4.80 -0.40 9.22
N VAL A 158 3.48 -0.23 9.12
CA VAL A 158 2.75 0.55 10.07
C VAL A 158 2.38 -0.40 11.20
N ALA A 159 3.23 -0.40 12.22
CA ALA A 159 3.22 -1.36 13.32
C ALA A 159 2.49 -0.73 14.52
N PRO A 160 2.20 -1.48 15.57
CA PRO A 160 1.47 -0.89 16.73
C PRO A 160 2.08 0.38 17.33
N ASP A 161 3.40 0.51 17.28
CA ASP A 161 4.07 1.68 17.82
C ASP A 161 4.35 2.82 16.89
N THR A 162 3.90 2.72 15.62
CA THR A 162 4.10 3.71 14.65
C THR A 162 3.13 4.88 14.88
N VAL A 163 3.66 6.06 15.02
CA VAL A 163 2.81 7.22 15.32
C VAL A 163 2.18 7.65 13.98
N ILE A 164 0.88 7.94 13.98
CA ILE A 164 0.19 8.33 12.73
C ILE A 164 -0.19 9.80 12.77
N HIS A 165 0.47 10.61 11.96
CA HIS A 165 0.16 12.03 11.74
C HIS A 165 -0.82 12.24 10.63
N CYS A 166 -1.86 13.08 10.84
CA CYS A 166 -2.75 13.41 9.74
C CYS A 166 -3.27 14.84 9.72
N GLU A 167 -2.57 15.70 10.40
CA GLU A 167 -2.89 17.13 10.41
C GLU A 167 -2.29 17.82 9.20
N GLY A 168 -3.09 18.70 8.63
CA GLY A 168 -2.70 19.55 7.57
C GLY A 168 -3.88 19.71 6.62
N GLU A 169 -3.71 20.55 5.63
CA GLU A 169 -4.76 20.85 4.65
C GLU A 169 -4.87 19.68 3.68
N PRO A 170 -6.12 19.27 3.43
CA PRO A 170 -6.27 18.24 2.38
C PRO A 170 -5.65 18.62 1.07
N ILE A 171 -5.12 17.62 0.39
CA ILE A 171 -4.41 17.69 -0.84
C ILE A 171 -5.30 17.71 -2.06
N LYS A 172 -4.88 18.47 -3.07
CA LYS A 172 -5.56 18.44 -4.35
C LYS A 172 -5.40 17.13 -5.09
N ARG A 173 -6.45 16.62 -5.71
CA ARG A 173 -6.31 15.47 -6.60
C ARG A 173 -5.41 15.82 -7.83
N ALA A 174 -4.47 14.96 -8.23
CA ALA A 174 -3.42 15.30 -9.25
C ALA A 174 -3.82 14.95 -10.69
N PHE B 1 0.75 22.74 7.64
CA PHE B 1 1.50 21.45 7.52
C PHE B 1 3.03 21.59 7.30
N ARG B 2 3.81 20.93 8.14
CA ARG B 2 5.08 20.30 7.71
C ARG B 2 5.20 18.92 8.36
N ALA B 3 6.04 18.06 7.78
CA ALA B 3 5.98 16.62 8.11
C ALA B 3 6.16 16.34 9.59
N PHE B 4 5.25 15.55 10.16
CA PHE B 4 5.27 15.10 11.52
C PHE B 4 5.01 16.19 12.58
N SER B 5 4.43 17.30 12.10
CA SER B 5 3.86 18.38 12.92
C SER B 5 2.79 17.83 13.83
N GLY B 6 2.84 18.30 15.08
CA GLY B 6 1.92 17.84 16.10
C GLY B 6 2.39 16.60 16.81
N SER B 7 1.53 16.10 17.68
CA SER B 7 1.79 14.93 18.48
C SER B 7 1.39 13.59 17.78
N GLY B 8 0.61 13.69 16.74
CA GLY B 8 0.14 12.46 16.09
C GLY B 8 -0.85 11.72 16.89
N ASN B 9 -1.12 10.50 16.46
CA ASN B 9 -2.06 9.62 17.04
C ASN B 9 -1.42 8.24 17.21
N ARG B 10 -1.80 7.52 18.25
CA ARG B 10 -1.26 6.21 18.50
C ARG B 10 -2.33 5.18 18.22
N LEU B 11 -1.90 4.06 17.65
CA LEU B 11 -2.79 2.94 17.43
C LEU B 11 -3.13 2.20 18.76
#